data_7UBA
#
_entry.id   7UBA
#
_cell.length_a   46.389
_cell.length_b   38.917
_cell.length_c   68.981
_cell.angle_alpha   90.000
_cell.angle_beta   109.040
_cell.angle_gamma   90.000
#
_symmetry.space_group_name_H-M   'P 1 21 1'
#
loop_
_entity.id
_entity.type
_entity.pdbx_description
1 polymer 'HORMA domain-containing protein'
2 non-polymer 'ZINC ION'
3 non-polymer '2-(N-MORPHOLINO)-ETHANESULFONIC ACID'
4 non-polymer 'PENTAETHYLENE GLYCOL'
5 non-polymer 'TETRAETHYLENE GLYCOL'
6 water water
#
_entity_poly.entity_id   1
_entity_poly.type   'polypeptide(L)'
_entity_poly.pdbx_seq_one_letter_code
;QSPDIECECDLLCPITSTRIKQCKNCRKFVHSLCYGNKPGPKVDKCISCVYGPMFDPSSSEFKDLMMLRKCYRFLSRNKG
FPPSIKEFTNSIMEEGQVTLENIERINFCISTLSSDGILNFSQCNKQRDASQDGSASKATRIQGNKVSIDEEGIFVPKIG
ELLKGREYMCCFIYNSDNSHACYLDVSPESKRQIENWIDQVKSIRNDFEPNSS
;
_entity_poly.pdbx_strand_id   A
#
# COMPACT_ATOMS: atom_id res chain seq x y z
N PRO A 3 8.31 -13.60 16.44
CA PRO A 3 9.10 -12.36 16.45
C PRO A 3 8.27 -11.11 16.69
N ASP A 4 8.88 -10.14 17.36
CA ASP A 4 8.31 -8.82 17.56
C ASP A 4 8.41 -8.00 16.28
N ILE A 5 7.30 -7.72 15.60
CA ILE A 5 7.40 -6.95 14.35
C ILE A 5 7.35 -5.44 14.67
N GLU A 6 8.29 -4.71 14.07
CA GLU A 6 8.45 -3.28 14.30
C GLU A 6 8.54 -2.54 12.97
N CYS A 7 7.71 -2.94 12.03
CA CYS A 7 7.65 -2.25 10.75
C CYS A 7 7.13 -0.83 10.94
N GLU A 8 7.63 0.10 10.12
CA GLU A 8 7.26 1.50 10.28
C GLU A 8 5.78 1.77 10.05
N CYS A 9 5.08 0.87 9.35
CA CYS A 9 3.64 1.00 9.21
C CYS A 9 2.87 0.90 10.54
N ASP A 10 3.49 0.28 11.54
CA ASP A 10 2.92 0.10 12.88
C ASP A 10 1.51 -0.53 12.85
N LEU A 11 1.36 -1.50 11.94
CA LEU A 11 0.15 -2.31 11.85
C LEU A 11 0.48 -3.79 11.78
N LEU A 12 -0.44 -4.59 12.29
CA LEU A 12 -0.33 -6.03 12.06
C LEU A 12 -0.64 -6.29 10.59
N CYS A 13 -0.01 -7.31 10.03
CA CYS A 13 -0.31 -7.72 8.67
C CYS A 13 -0.46 -9.24 8.68
N PRO A 14 -1.54 -9.76 8.09
CA PRO A 14 -1.73 -11.22 8.12
C PRO A 14 -0.54 -12.00 7.60
N ILE A 15 -0.23 -13.12 8.26
CA ILE A 15 1.00 -13.84 7.93
C ILE A 15 0.94 -14.50 6.55
N THR A 16 -0.27 -14.64 6.02
CA THR A 16 -0.44 -15.20 4.68
C THR A 16 -0.30 -14.14 3.58
N SER A 17 -0.17 -12.87 3.97
CA SER A 17 -0.09 -11.76 3.04
C SER A 17 1.33 -11.23 2.87
N THR A 18 2.20 -11.51 3.82
CA THR A 18 3.55 -10.91 3.81
C THR A 18 4.57 -11.87 4.41
N ARG A 19 5.82 -11.68 4.01
CA ARG A 19 6.94 -12.28 4.72
C ARG A 19 7.46 -11.27 5.72
N ILE A 20 8.29 -11.76 6.62
CA ILE A 20 9.03 -10.93 7.56
C ILE A 20 10.50 -10.85 7.12
N LYS A 21 11.05 -9.66 7.19
CA LYS A 21 12.48 -9.43 6.90
C LYS A 21 13.12 -8.81 8.11
N GLN A 22 14.45 -8.85 8.16
CA GLN A 22 15.20 -8.27 9.30
C GLN A 22 16.15 -7.22 8.78
N CYS A 23 16.20 -6.07 9.48
CA CYS A 23 17.17 -5.04 9.17
C CYS A 23 18.55 -5.45 9.63
N LYS A 24 19.55 -5.38 8.74
CA LYS A 24 20.91 -5.76 9.12
C LYS A 24 21.56 -4.78 10.11
N ASN A 25 21.13 -3.52 10.08
CA ASN A 25 21.74 -2.52 10.92
C ASN A 25 21.17 -2.49 12.33
N CYS A 26 19.85 -2.51 12.46
CA CYS A 26 19.22 -2.39 13.80
C CYS A 26 18.55 -3.69 14.28
N ARG A 27 18.60 -4.73 13.46
CA ARG A 27 18.11 -6.08 13.78
C ARG A 27 16.60 -6.20 14.01
N LYS A 28 15.83 -5.15 13.73
CA LYS A 28 14.38 -5.26 13.92
C LYS A 28 13.73 -5.97 12.74
N PHE A 29 12.51 -6.47 12.97
CA PHE A 29 11.74 -7.14 11.94
C PHE A 29 10.73 -6.19 11.28
N VAL A 30 10.60 -6.32 9.96
CA VAL A 30 9.71 -5.51 9.16
C VAL A 30 8.94 -6.39 8.18
N HIS A 31 7.93 -5.82 7.52
CA HIS A 31 7.14 -6.54 6.50
C HIS A 31 7.75 -6.49 5.12
N SER A 32 7.80 -7.63 4.44
CA SER A 32 8.23 -7.61 3.05
C SER A 32 7.34 -6.74 2.17
N LEU A 33 6.04 -6.72 2.44
CA LEU A 33 5.13 -5.86 1.62
C LEU A 33 5.49 -4.38 1.67
N CYS A 34 6.05 -3.92 2.80
CA CYS A 34 6.39 -2.53 3.01
C CYS A 34 7.78 -2.20 2.46
N TYR A 35 8.52 -3.26 2.10
CA TYR A 35 9.90 -3.19 1.65
C TYR A 35 10.02 -3.81 0.24
N GLY A 36 9.02 -3.50 -0.60
CA GLY A 36 9.11 -3.76 -2.01
C GLY A 36 9.01 -5.20 -2.44
N ASN A 37 8.59 -6.09 -1.53
CA ASN A 37 8.61 -7.53 -1.78
C ASN A 37 10.01 -8.00 -2.14
N LYS A 38 11.04 -7.26 -1.69
CA LYS A 38 12.37 -7.59 -2.17
C LYS A 38 12.70 -9.03 -1.73
N PRO A 39 13.26 -9.82 -2.63
CA PRO A 39 13.51 -11.21 -2.23
C PRO A 39 14.39 -11.36 -1.00
N GLY A 40 14.20 -12.49 -0.32
CA GLY A 40 15.10 -12.88 0.75
C GLY A 40 14.80 -12.28 2.11
N PRO A 41 15.64 -12.59 3.09
CA PRO A 41 15.26 -12.40 4.50
C PRO A 41 15.66 -11.08 5.07
N LYS A 42 16.39 -10.25 4.34
CA LYS A 42 17.01 -9.08 4.95
C LYS A 42 16.69 -7.78 4.22
N VAL A 43 16.79 -6.67 4.96
CA VAL A 43 16.96 -5.36 4.34
C VAL A 43 18.26 -4.79 4.91
N ASP A 44 19.13 -4.32 4.03
CA ASP A 44 20.41 -3.83 4.52
C ASP A 44 20.23 -2.70 5.55
N LYS A 45 19.33 -1.76 5.26
CA LYS A 45 18.97 -0.67 6.18
C LYS A 45 17.50 -0.38 6.00
N CYS A 46 16.75 -0.42 7.09
CA CYS A 46 15.33 -0.12 7.11
C CYS A 46 15.11 1.40 6.93
N ILE A 47 13.86 1.78 6.78
CA ILE A 47 13.51 3.17 6.54
C ILE A 47 14.05 4.03 7.66
N SER A 48 13.86 3.59 8.91
CA SER A 48 14.34 4.35 10.05
C SER A 48 15.85 4.50 10.04
N CYS A 49 16.56 3.40 9.78
CA CYS A 49 18.03 3.43 9.77
C CYS A 49 18.57 4.34 8.64
N VAL A 50 17.91 4.35 7.49
CA VAL A 50 18.31 5.23 6.39
C VAL A 50 18.06 6.69 6.72
N TYR A 51 16.88 6.99 7.28
CA TYR A 51 16.50 8.36 7.58
C TYR A 51 17.33 8.93 8.74
N GLY A 52 17.59 8.08 9.73
CA GLY A 52 18.27 8.50 10.94
C GLY A 52 17.28 8.80 12.06
N PRO A 53 17.81 9.12 13.23
CA PRO A 53 16.94 9.20 14.41
C PRO A 53 15.91 10.29 14.43
N MET A 54 16.05 11.35 13.62
CA MET A 54 15.02 12.40 13.59
C MET A 54 13.72 12.02 12.88
N PHE A 55 13.64 10.81 12.39
CA PHE A 55 12.47 10.37 11.64
C PHE A 55 11.18 10.30 12.49
N ASP A 56 10.08 10.81 11.94
CA ASP A 56 8.77 10.72 12.59
C ASP A 56 7.78 9.90 11.75
N PRO A 57 7.63 8.61 12.07
CA PRO A 57 6.70 7.78 11.32
C PRO A 57 5.21 7.90 11.72
N SER A 58 4.89 8.81 12.61
CA SER A 58 3.52 8.89 13.14
C SER A 58 2.58 9.74 12.29
N SER A 59 3.12 10.46 11.31
CA SER A 59 2.30 11.40 10.58
C SER A 59 1.28 10.71 9.68
N SER A 60 0.16 11.41 9.46
CA SER A 60 -0.89 10.90 8.58
C SER A 60 -0.34 10.63 7.19
N GLU A 61 0.51 11.52 6.70
CA GLU A 61 1.06 11.32 5.35
C GLU A 61 2.01 10.13 5.27
N PHE A 62 2.80 9.91 6.30
CA PHE A 62 3.65 8.73 6.28
C PHE A 62 2.81 7.44 6.37
N LYS A 63 1.75 7.45 7.18
CA LYS A 63 0.85 6.30 7.23
C LYS A 63 0.18 6.06 5.87
N ASP A 64 -0.20 7.13 5.17
CA ASP A 64 -0.74 7.01 3.80
C ASP A 64 0.27 6.34 2.88
N LEU A 65 1.51 6.79 2.95
CA LEU A 65 2.61 6.24 2.15
C LEU A 65 2.75 4.75 2.38
N MET A 66 2.80 4.32 3.63
CA MET A 66 3.05 2.92 3.90
C MET A 66 1.86 2.09 3.46
N MET A 67 0.65 2.60 3.59
CA MET A 67 -0.49 1.85 3.12
C MET A 67 -0.44 1.74 1.58
N LEU A 68 -0.03 2.79 0.87
CA LEU A 68 0.10 2.71 -0.61
C LEU A 68 1.11 1.68 -1.04
N ARG A 69 2.25 1.69 -0.36
CA ARG A 69 3.32 0.73 -0.64
C ARG A 69 2.82 -0.70 -0.41
N LYS A 70 2.17 -0.93 0.72
CA LYS A 70 1.65 -2.24 1.12
C LYS A 70 0.58 -2.73 0.14
N CYS A 71 -0.31 -1.83 -0.25
CA CYS A 71 -1.38 -2.17 -1.21
C CYS A 71 -0.80 -2.54 -2.56
N TYR A 72 0.13 -1.72 -3.08
CA TYR A 72 0.74 -2.01 -4.39
C TYR A 72 1.44 -3.38 -4.34
N ARG A 73 2.23 -3.62 -3.30
CA ARG A 73 3.01 -4.84 -3.25
C ARG A 73 2.15 -6.07 -2.97
N PHE A 74 1.05 -5.91 -2.24
CA PHE A 74 0.14 -7.04 -2.12
C PHE A 74 -0.50 -7.38 -3.46
N LEU A 75 -0.97 -6.36 -4.17
CA LEU A 75 -1.52 -6.58 -5.50
C LEU A 75 -0.51 -7.22 -6.45
N SER A 76 0.76 -6.79 -6.38
CA SER A 76 1.79 -7.38 -7.23
C SER A 76 2.02 -8.85 -6.90
N ARG A 77 2.15 -9.16 -5.62
CA ARG A 77 2.31 -10.52 -5.14
C ARG A 77 1.11 -11.41 -5.49
N ASN A 78 -0.09 -10.83 -5.40
CA ASN A 78 -1.34 -11.55 -5.66
C ASN A 78 -1.70 -11.62 -7.14
N LYS A 79 -0.91 -10.91 -7.95
CA LYS A 79 -1.13 -10.79 -9.39
C LYS A 79 -2.52 -10.26 -9.70
N GLY A 80 -2.98 -9.32 -8.86
CA GLY A 80 -4.24 -8.65 -9.11
C GLY A 80 -5.12 -8.48 -7.88
N PHE A 81 -6.30 -7.92 -8.11
CA PHE A 81 -7.22 -7.57 -7.04
C PHE A 81 -8.02 -8.79 -6.55
N PRO A 82 -8.13 -8.97 -5.22
CA PRO A 82 -8.99 -10.02 -4.65
C PRO A 82 -10.47 -9.89 -5.05
N PRO A 83 -11.28 -10.91 -4.75
CA PRO A 83 -12.68 -10.96 -5.15
C PRO A 83 -13.58 -9.86 -4.58
N SER A 84 -13.16 -9.12 -3.58
CA SER A 84 -13.96 -8.00 -3.07
C SER A 84 -13.11 -6.98 -2.32
N ILE A 85 -13.70 -5.82 -2.08
CA ILE A 85 -12.98 -4.77 -1.37
C ILE A 85 -12.67 -5.22 0.05
N LYS A 86 -13.62 -5.85 0.71
CA LYS A 86 -13.38 -6.29 2.08
C LYS A 86 -12.37 -7.43 2.14
N GLU A 87 -12.38 -8.33 1.16
CA GLU A 87 -11.37 -9.36 1.13
C GLU A 87 -9.96 -8.78 0.97
N PHE A 88 -9.83 -7.72 0.16
CA PHE A 88 -8.56 -7.00 0.03
C PHE A 88 -8.17 -6.34 1.35
N THR A 89 -9.12 -5.67 1.97
CA THR A 89 -8.87 -4.99 3.24
C THR A 89 -8.36 -5.97 4.30
N ASN A 90 -9.00 -7.14 4.36
CA ASN A 90 -8.66 -8.15 5.34
C ASN A 90 -7.44 -9.00 4.95
N SER A 91 -6.91 -8.75 3.76
CA SER A 91 -5.59 -9.26 3.37
C SER A 91 -4.47 -8.29 3.78
N ILE A 92 -4.74 -6.99 3.66
CA ILE A 92 -3.77 -5.91 3.93
C ILE A 92 -3.61 -5.76 5.43
N MET A 93 -4.72 -5.86 6.14
CA MET A 93 -4.76 -5.66 7.59
C MET A 93 -5.41 -6.84 8.29
N GLU A 94 -5.16 -6.94 9.59
CA GLU A 94 -5.89 -7.85 10.45
C GLU A 94 -7.26 -7.29 10.72
N GLU A 95 -8.29 -8.05 10.36
CA GLU A 95 -9.68 -7.67 10.59
C GLU A 95 -9.89 -6.91 11.89
N GLY A 96 -9.35 -7.48 12.96
CA GLY A 96 -9.56 -6.96 14.30
C GLY A 96 -8.97 -5.58 14.54
N GLN A 97 -8.08 -5.15 13.67
CA GLN A 97 -7.39 -3.89 13.85
C GLN A 97 -7.97 -2.78 12.97
N VAL A 98 -8.95 -3.13 12.14
CA VAL A 98 -9.48 -2.20 11.16
C VAL A 98 -10.35 -1.14 11.85
N THR A 99 -10.02 0.12 11.56
CA THR A 99 -10.70 1.28 12.09
C THR A 99 -11.16 2.13 10.91
N LEU A 100 -12.05 3.07 11.19
CA LEU A 100 -12.53 3.99 10.16
C LEU A 100 -11.40 4.74 9.48
N GLU A 101 -10.40 5.16 10.25
CA GLU A 101 -9.28 5.87 9.67
C GLU A 101 -8.57 5.03 8.62
N ASN A 102 -8.39 3.74 8.88
CA ASN A 102 -7.69 2.93 7.89
C ASN A 102 -8.60 2.42 6.79
N ILE A 103 -9.91 2.36 7.01
CA ILE A 103 -10.83 2.12 5.89
C ILE A 103 -10.71 3.27 4.88
N GLU A 104 -10.71 4.50 5.37
CA GLU A 104 -10.55 5.68 4.52
C GLU A 104 -9.21 5.62 3.80
N ARG A 105 -8.18 5.23 4.53
CA ARG A 105 -6.82 5.21 3.97
C ARG A 105 -6.72 4.17 2.85
N ILE A 106 -7.29 2.99 3.05
CA ILE A 106 -7.27 1.93 2.05
C ILE A 106 -8.08 2.38 0.81
N ASN A 107 -9.20 3.04 1.02
CA ASN A 107 -9.99 3.54 -0.12
C ASN A 107 -9.20 4.58 -0.92
N PHE A 108 -8.49 5.45 -0.22
CA PHE A 108 -7.56 6.41 -0.84
C PHE A 108 -6.50 5.69 -1.68
N CYS A 109 -5.94 4.60 -1.15
CA CYS A 109 -4.93 3.85 -1.87
C CYS A 109 -5.52 3.24 -3.15
N ILE A 110 -6.72 2.66 -3.04
CA ILE A 110 -7.32 2.03 -4.21
C ILE A 110 -7.63 3.11 -5.26
N SER A 111 -8.16 4.24 -4.80
CA SER A 111 -8.50 5.35 -5.71
C SER A 111 -7.23 5.88 -6.38
N THR A 112 -6.15 5.99 -5.61
CA THR A 112 -4.88 6.49 -6.13
C THR A 112 -4.29 5.55 -7.17
N LEU A 113 -4.27 4.25 -6.87
CA LEU A 113 -3.72 3.30 -7.83
C LEU A 113 -4.59 3.25 -9.09
N SER A 114 -5.90 3.49 -8.95
CA SER A 114 -6.76 3.59 -10.14
C SER A 114 -6.48 4.85 -10.97
N SER A 115 -6.36 6.01 -10.33
CA SER A 115 -5.99 7.23 -11.01
C SER A 115 -4.67 7.08 -11.75
N ASP A 116 -3.75 6.34 -11.14
CA ASP A 116 -2.41 6.19 -11.69
C ASP A 116 -2.37 5.15 -12.81
N GLY A 117 -3.45 4.42 -13.03
CA GLY A 117 -3.50 3.45 -14.11
C GLY A 117 -2.93 2.08 -13.75
N ILE A 118 -2.68 1.86 -12.47
CA ILE A 118 -2.22 0.57 -11.96
C ILE A 118 -3.40 -0.38 -11.79
N LEU A 119 -4.52 0.14 -11.29
CA LEU A 119 -5.78 -0.58 -11.27
C LEU A 119 -6.69 0.05 -12.30
N ASN A 120 -7.36 -0.78 -13.08
CA ASN A 120 -8.21 -0.28 -14.16
C ASN A 120 -9.57 -0.99 -14.10
N PHE A 121 -10.55 -0.26 -13.58
CA PHE A 121 -11.87 -0.81 -13.34
C PHE A 121 -12.75 -0.57 -14.56
N SER A 122 -13.64 -1.52 -14.82
CA SER A 122 -14.61 -1.40 -15.92
C SER A 122 -15.90 -2.12 -15.54
N GLN A 123 -17.00 -1.77 -16.20
CA GLN A 123 -18.25 -2.50 -16.01
C GLN A 123 -18.09 -3.90 -16.62
N CYS A 124 -18.68 -4.92 -15.99
CA CYS A 124 -18.76 -6.24 -16.63
C CYS A 124 -20.19 -6.47 -17.13
N GLY A 144 -8.90 -9.53 -16.56
CA GLY A 144 -8.87 -9.04 -15.20
C GLY A 144 -9.57 -9.96 -14.21
N ASN A 145 -9.67 -9.50 -12.97
CA ASN A 145 -10.42 -10.18 -11.92
C ASN A 145 -11.73 -9.44 -11.67
N LYS A 146 -12.79 -10.19 -11.43
CA LYS A 146 -14.08 -9.62 -11.04
C LYS A 146 -14.04 -9.24 -9.57
N VAL A 147 -14.45 -8.02 -9.26
CA VAL A 147 -14.39 -7.51 -7.89
C VAL A 147 -15.74 -7.04 -7.40
N SER A 148 -16.17 -7.59 -6.26
CA SER A 148 -17.43 -7.21 -5.62
C SER A 148 -17.24 -5.99 -4.74
N ILE A 149 -18.08 -5.00 -4.89
CA ILE A 149 -17.95 -3.77 -4.10
C ILE A 149 -18.80 -3.85 -2.83
N ASP A 150 -18.14 -4.16 -1.72
CA ASP A 150 -18.82 -4.31 -0.43
C ASP A 150 -18.36 -3.20 0.52
N GLU A 151 -17.86 -2.11 -0.05
CA GLU A 151 -17.50 -0.90 0.70
C GLU A 151 -17.73 0.30 -0.21
N GLU A 152 -18.37 1.33 0.32
CA GLU A 152 -18.62 2.54 -0.44
C GLU A 152 -17.44 3.51 -0.32
N GLY A 153 -17.35 4.46 -1.24
CA GLY A 153 -16.39 5.54 -1.12
C GLY A 153 -15.14 5.46 -1.99
N ILE A 154 -15.10 4.50 -2.91
CA ILE A 154 -13.97 4.41 -3.85
C ILE A 154 -14.33 5.07 -5.19
N PHE A 155 -13.51 6.02 -5.62
CA PHE A 155 -13.73 6.71 -6.90
C PHE A 155 -12.60 6.40 -7.88
N VAL A 156 -12.98 6.09 -9.12
CA VAL A 156 -12.02 5.71 -10.15
C VAL A 156 -12.30 6.48 -11.45
N PRO A 157 -11.29 6.57 -12.33
CA PRO A 157 -11.52 7.35 -13.55
C PRO A 157 -12.67 6.80 -14.41
N LYS A 158 -13.37 7.71 -15.07
CA LYS A 158 -14.45 7.42 -16.04
C LYS A 158 -15.72 6.89 -15.39
N ILE A 159 -15.61 5.81 -14.62
CA ILE A 159 -16.76 5.26 -13.90
C ILE A 159 -17.24 6.19 -12.79
N GLY A 160 -16.29 6.80 -12.07
CA GLY A 160 -16.62 7.57 -10.89
C GLY A 160 -16.70 6.63 -9.69
N GLU A 161 -17.76 6.74 -8.90
CA GLU A 161 -17.86 5.91 -7.71
C GLU A 161 -18.15 4.46 -8.06
N LEU A 162 -17.37 3.55 -7.51
CA LEU A 162 -17.68 2.13 -7.57
C LEU A 162 -18.88 1.89 -6.67
N LEU A 163 -19.99 1.48 -7.25
CA LEU A 163 -21.24 1.41 -6.51
C LEU A 163 -21.31 0.18 -5.64
N LYS A 164 -21.62 0.40 -4.37
CA LYS A 164 -21.74 -0.70 -3.45
C LYS A 164 -22.85 -1.62 -3.92
N GLY A 165 -22.56 -2.92 -3.89
CA GLY A 165 -23.53 -3.93 -4.29
C GLY A 165 -23.42 -4.35 -5.73
N ARG A 166 -22.53 -3.70 -6.47
CA ARG A 166 -22.28 -4.07 -7.86
C ARG A 166 -20.94 -4.79 -7.96
N GLU A 167 -20.69 -5.41 -9.10
CA GLU A 167 -19.38 -5.97 -9.43
C GLU A 167 -18.77 -5.26 -10.62
N TYR A 168 -17.45 -5.15 -10.59
CA TYR A 168 -16.69 -4.56 -11.68
C TYR A 168 -15.54 -5.49 -12.04
N MET A 169 -15.02 -5.35 -13.26
CA MET A 169 -13.77 -6.02 -13.62
C MET A 169 -12.62 -5.09 -13.27
N CYS A 170 -11.54 -5.67 -12.79
CA CYS A 170 -10.37 -4.90 -12.46
C CYS A 170 -9.13 -5.53 -13.08
N CYS A 171 -8.46 -4.76 -13.93
CA CYS A 171 -7.19 -5.18 -14.53
C CYS A 171 -6.05 -4.50 -13.80
N PHE A 172 -5.11 -5.32 -13.33
CA PHE A 172 -3.92 -4.85 -12.63
C PHE A 172 -2.75 -4.88 -13.58
N ILE A 173 -1.96 -3.82 -13.61
CA ILE A 173 -0.72 -3.79 -14.36
C ILE A 173 0.36 -3.25 -13.45
N TYR A 174 1.58 -3.75 -13.62
CA TYR A 174 2.65 -3.51 -12.66
C TYR A 174 3.16 -2.08 -12.70
N ASN A 175 3.06 -1.42 -13.85
CA ASN A 175 3.54 -0.07 -13.93
C ASN A 175 2.80 0.68 -15.05
N SER A 176 2.91 1.99 -15.03
CA SER A 176 2.21 2.83 -15.98
C SER A 176 2.92 4.15 -16.01
N ASP A 177 2.69 4.95 -17.05
CA ASP A 177 3.39 6.23 -17.15
C ASP A 177 2.83 7.25 -16.16
N ASN A 178 1.76 6.92 -15.44
CA ASN A 178 1.22 7.80 -14.40
C ASN A 178 1.42 7.28 -12.99
N SER A 179 2.21 6.22 -12.83
CA SER A 179 2.51 5.73 -11.49
C SER A 179 3.39 6.70 -10.71
N HIS A 180 3.50 6.46 -9.41
CA HIS A 180 4.35 7.24 -8.54
C HIS A 180 5.44 6.37 -7.94
N ALA A 181 6.64 6.91 -7.90
CA ALA A 181 7.79 6.18 -7.41
C ALA A 181 7.70 5.85 -5.93
N CYS A 182 6.90 6.60 -5.18
CA CYS A 182 6.82 6.36 -3.75
C CYS A 182 6.33 4.96 -3.44
N TYR A 183 5.52 4.35 -4.30
CA TYR A 183 5.13 2.95 -4.05
C TYR A 183 5.83 1.98 -4.98
N LEU A 184 6.43 2.44 -6.07
CA LEU A 184 7.20 1.55 -6.96
C LEU A 184 8.62 1.29 -6.48
N ASP A 185 9.23 2.25 -5.81
CA ASP A 185 10.59 2.06 -5.33
C ASP A 185 10.63 0.90 -4.34
N VAL A 186 11.62 0.01 -4.50
CA VAL A 186 11.68 -1.19 -3.69
C VAL A 186 12.21 -0.92 -2.30
N SER A 187 13.35 -0.24 -2.19
CA SER A 187 14.04 -0.05 -0.92
C SER A 187 14.27 1.41 -0.64
N PRO A 188 14.34 1.75 0.64
CA PRO A 188 14.84 3.08 0.98
C PRO A 188 16.33 3.17 0.72
N GLU A 189 16.75 4.25 0.10
CA GLU A 189 18.15 4.46 -0.32
C GLU A 189 18.80 5.70 0.32
N SER A 190 18.00 6.72 0.63
CA SER A 190 18.52 7.91 1.30
C SER A 190 17.44 8.64 2.04
N LYS A 191 17.83 9.49 2.97
CA LYS A 191 16.88 10.33 3.71
C LYS A 191 16.11 11.22 2.71
N ARG A 192 16.82 11.78 1.73
CA ARG A 192 16.15 12.66 0.75
C ARG A 192 15.12 11.90 -0.08
N GLN A 193 15.43 10.65 -0.44
CA GLN A 193 14.47 9.82 -1.18
C GLN A 193 13.19 9.61 -0.36
N ILE A 194 13.35 9.29 0.91
CA ILE A 194 12.21 9.03 1.79
C ILE A 194 11.37 10.30 1.94
N GLU A 195 12.05 11.44 2.13
CA GLU A 195 11.36 12.72 2.21
C GLU A 195 10.57 12.97 0.93
N ASN A 196 11.13 12.63 -0.22
CA ASN A 196 10.42 12.81 -1.48
C ASN A 196 9.22 11.85 -1.59
N TRP A 197 9.34 10.64 -1.04
CA TRP A 197 8.20 9.71 -1.01
C TRP A 197 7.03 10.39 -0.30
N ILE A 198 7.34 11.00 0.84
CA ILE A 198 6.31 11.59 1.68
C ILE A 198 5.74 12.82 0.96
N ASP A 199 6.60 13.62 0.33
CA ASP A 199 6.13 14.78 -0.46
C ASP A 199 5.20 14.34 -1.59
N GLN A 200 5.52 13.23 -2.24
CA GLN A 200 4.66 12.73 -3.31
C GLN A 200 3.28 12.46 -2.76
N VAL A 201 3.20 11.76 -1.62
CA VAL A 201 1.90 11.42 -1.06
C VAL A 201 1.15 12.68 -0.59
N LYS A 202 1.87 13.67 -0.08
CA LYS A 202 1.22 14.93 0.26
C LYS A 202 0.57 15.54 -0.97
N SER A 203 1.29 15.51 -2.09
CA SER A 203 0.78 16.07 -3.34
C SER A 203 -0.43 15.31 -3.86
N ILE A 204 -0.42 13.99 -3.73
CA ILE A 204 -1.54 13.16 -4.15
C ILE A 204 -2.77 13.50 -3.30
N ARG A 205 -2.58 13.61 -1.99
CA ARG A 205 -3.68 14.02 -1.12
C ARG A 205 -4.22 15.40 -1.49
N ASN A 206 -3.34 16.35 -1.80
CA ASN A 206 -3.77 17.70 -2.17
C ASN A 206 -4.70 17.65 -3.36
N ASP A 207 -4.32 16.87 -4.35
CA ASP A 207 -5.08 16.74 -5.58
C ASP A 207 -6.33 15.87 -5.39
N PHE A 208 -6.32 15.05 -4.33
CA PHE A 208 -7.43 14.16 -3.98
C PHE A 208 -8.59 14.94 -3.36
#